data_6AOR
#
_entry.id   6AOR
#
_cell.length_a   100.556
_cell.length_b   100.556
_cell.length_c   384.183
_cell.angle_alpha   90.00
_cell.angle_beta   90.00
_cell.angle_gamma   120.00
#
_symmetry.space_group_name_H-M   'H 3 2'
#
loop_
_entity.id
_entity.type
_entity.pdbx_description
1 polymer 'Hemagglutinin HA1 chain'
2 polymer 'Hemagglutinin  HA2 chain'
3 branched alpha-D-mannopyranose-(1-3)-[alpha-D-mannopyranose-(1-6)]beta-D-mannopyranose-(1-4)-2-acetamido-2-deoxy-beta-D-glucopyranose-(1-4)-2-acetamido-2-deoxy-beta-D-glucopyranose
4 branched 2-acetamido-2-deoxy-beta-D-glucopyranose-(1-4)-2-acetamido-2-deoxy-beta-D-glucopyranose
5 non-polymer 2-acetamido-2-deoxy-beta-D-glucopyranose
6 water water
#
loop_
_entity_poly.entity_id
_entity_poly.type
_entity_poly.pdbx_seq_one_letter_code
_entity_poly.pdbx_strand_id
1 'polypeptide(L)'
;ANPGATLCLGHHAVPNGTIVKTITNDQIEVTNATELVQSSSTGEICDSPHQILDGENCTLIDALLGDPQCDGFQNKKWDL
FVERSKAYSNCYPYDVPDYASLRSLVASSGTLEFNNESFNWTGVTQNGTSSACIRRSNNSFFSRLNWLTHLKFKYPALNV
TMPNNEKFDKLYIWGVHHPGTDNDQIFLYAQASGRITVSTKRSQQTVIPNIGSRPRVRNIPSRISIYWTIVKPGDILLIN
STGNLIAPRGYFKIRSGKSSIMRSDAPIGKCNSECITPNGSIPNDKPFQNVNRITYGACPRYVKQNTLKLATGMRNVPEK
QTR
;
A
2 'polypeptide(L)'
;GIFGAIAGFIENGWEGMVDGWYGFRHQNSEGIGQAADLKSTQAAIDQINGKLNRLIGKTNEKFHQIEKEFSEVEGRIQDL
EKYVEDTKIDLWSYNAELLVALENQHTIDLTDSEMNKLFEKTKKQLRENAEDMGNGCFKIYHKCDNACIGSIRNGTYDHD
VYRDEALNNRFQIK
;
B
#
# COMPACT_ATOMS: atom_id res chain seq x y z
N PRO A 3 42.17 -37.43 -36.06
CA PRO A 3 40.74 -37.14 -35.88
C PRO A 3 40.47 -36.02 -34.83
N GLY A 4 40.88 -36.22 -33.57
CA GLY A 4 40.80 -35.15 -32.56
C GLY A 4 39.48 -35.10 -31.84
N ALA A 5 39.05 -33.90 -31.47
CA ALA A 5 37.77 -33.73 -30.78
C ALA A 5 37.18 -32.37 -31.06
N THR A 6 35.90 -32.23 -30.74
CA THR A 6 35.20 -30.94 -30.79
C THR A 6 34.65 -30.64 -29.40
N LEU A 7 34.78 -29.40 -28.94
CA LEU A 7 34.25 -28.98 -27.66
C LEU A 7 33.46 -27.70 -27.90
N CYS A 8 32.17 -27.74 -27.63
CA CYS A 8 31.23 -26.66 -27.89
C CYS A 8 30.74 -26.05 -26.60
N LEU A 9 30.78 -24.71 -26.50
CA LEU A 9 30.25 -23.99 -25.37
C LEU A 9 28.83 -23.56 -25.69
N GLY A 10 27.96 -23.60 -24.70
CA GLY A 10 26.58 -23.25 -24.93
C GLY A 10 25.83 -22.92 -23.66
N HIS A 11 24.55 -22.68 -23.84
CA HIS A 11 23.68 -22.21 -22.77
C HIS A 11 22.32 -22.87 -22.93
N HIS A 12 21.54 -22.88 -21.87
CA HIS A 12 20.23 -23.51 -21.93
C HIS A 12 19.19 -22.69 -22.67
N ALA A 13 18.06 -23.34 -22.93
CA ALA A 13 16.87 -22.69 -23.44
C ALA A 13 15.69 -23.49 -22.92
N VAL A 14 14.50 -22.92 -23.07
CA VAL A 14 13.26 -23.58 -22.62
C VAL A 14 12.24 -23.55 -23.75
N PRO A 15 11.29 -24.51 -23.74
CA PRO A 15 10.23 -24.45 -24.73
C PRO A 15 9.15 -23.44 -24.44
N ASN A 16 9.08 -22.91 -23.23
CA ASN A 16 7.99 -22.01 -22.84
C ASN A 16 8.56 -20.74 -22.26
N GLY A 17 9.19 -19.92 -23.12
CA GLY A 17 9.78 -18.65 -22.67
C GLY A 17 8.74 -17.57 -22.38
N THR A 18 9.18 -16.43 -21.82
CA THR A 18 8.25 -15.34 -21.52
C THR A 18 8.74 -14.02 -22.08
N ILE A 19 7.79 -13.22 -22.55
CA ILE A 19 8.12 -11.95 -23.18
C ILE A 19 8.28 -10.82 -22.15
N VAL A 20 9.41 -10.09 -22.22
CA VAL A 20 9.64 -8.91 -21.39
C VAL A 20 9.99 -7.69 -22.21
N LYS A 21 9.94 -6.54 -21.55
CA LYS A 21 10.37 -5.29 -22.16
C LYS A 21 11.79 -4.91 -21.72
N THR A 22 12.51 -4.27 -22.63
CA THR A 22 13.85 -3.77 -22.37
C THR A 22 13.95 -2.32 -22.85
N ILE A 23 15.15 -1.75 -22.75
CA ILE A 23 15.43 -0.39 -23.22
C ILE A 23 15.32 -0.28 -24.74
N THR A 24 15.72 -1.34 -25.44
CA THR A 24 15.83 -1.32 -26.91
C THR A 24 14.78 -2.14 -27.61
N ASN A 25 13.93 -2.87 -26.88
CA ASN A 25 12.94 -3.72 -27.54
C ASN A 25 11.74 -3.92 -26.63
N ASP A 26 10.53 -3.68 -27.12
CA ASP A 26 9.39 -3.87 -26.23
C ASP A 26 8.94 -5.33 -26.06
N GLN A 27 9.49 -6.24 -26.86
CA GLN A 27 9.18 -7.66 -26.79
C GLN A 27 10.37 -8.52 -27.05
N ILE A 28 10.96 -9.04 -25.99
CA ILE A 28 12.05 -10.01 -26.11
CA ILE A 28 12.13 -9.97 -26.01
C ILE A 28 11.78 -11.20 -25.19
N GLU A 29 12.03 -12.41 -25.71
CA GLU A 29 11.75 -13.61 -24.96
C GLU A 29 12.94 -14.01 -24.09
N VAL A 30 12.67 -14.20 -22.80
CA VAL A 30 13.65 -14.71 -21.86
C VAL A 30 13.18 -16.07 -21.31
N THR A 31 14.07 -16.76 -20.62
CA THR A 31 13.76 -18.09 -20.15
C THR A 31 12.78 -18.11 -18.98
N ASN A 32 12.71 -17.02 -18.24
CA ASN A 32 11.90 -16.95 -17.05
C ASN A 32 11.77 -15.49 -16.64
N ALA A 33 10.68 -15.20 -15.96
CA ALA A 33 10.42 -13.85 -15.43
C ALA A 33 9.52 -13.92 -14.22
N THR A 34 9.46 -12.82 -13.50
CA THR A 34 8.59 -12.72 -12.33
C THR A 34 7.77 -11.44 -12.39
N GLU A 35 6.54 -11.50 -11.89
CA GLU A 35 5.62 -10.36 -11.92
C GLU A 35 5.89 -9.41 -10.78
N LEU A 36 6.01 -8.13 -11.09
CA LEU A 36 6.26 -7.10 -10.07
C LEU A 36 5.03 -6.28 -9.65
N VAL A 37 3.88 -6.49 -10.32
CA VAL A 37 2.64 -5.78 -10.00
C VAL A 37 1.60 -6.74 -9.40
N GLN A 38 1.20 -6.51 -8.15
CA GLN A 38 0.13 -7.24 -7.55
C GLN A 38 -1.20 -6.71 -8.12
N SER A 39 -1.97 -7.59 -8.74
CA SER A 39 -3.21 -7.17 -9.39
C SER A 39 -4.46 -7.85 -8.89
N SER A 40 -4.36 -8.66 -7.85
CA SER A 40 -5.53 -9.34 -7.32
C SER A 40 -5.59 -9.23 -5.81
N SER A 41 -6.82 -9.35 -5.30
CA SER A 41 -7.11 -9.53 -3.88
CA SER A 41 -7.07 -9.56 -3.87
C SER A 41 -8.04 -10.72 -3.73
N THR A 42 -8.07 -11.37 -2.56
CA THR A 42 -9.12 -12.38 -2.31
C THR A 42 -10.47 -11.74 -2.03
N GLY A 43 -10.49 -10.45 -1.71
CA GLY A 43 -11.76 -9.77 -1.49
C GLY A 43 -12.15 -9.60 -0.04
N GLU A 44 -11.31 -10.05 0.90
CA GLU A 44 -11.58 -9.88 2.34
C GLU A 44 -10.53 -8.97 2.97
N ILE A 45 -10.94 -8.17 3.95
CA ILE A 45 -10.01 -7.45 4.77
C ILE A 45 -9.63 -8.36 5.93
N CYS A 46 -8.38 -8.75 6.01
CA CYS A 46 -7.90 -9.59 7.11
C CYS A 46 -7.91 -8.87 8.46
N ASP A 47 -8.45 -9.54 9.48
CA ASP A 47 -8.56 -8.96 10.82
C ASP A 47 -7.25 -8.89 11.61
N SER A 48 -6.19 -9.45 11.03
CA SER A 48 -4.86 -9.43 11.63
C SER A 48 -3.85 -8.97 10.57
N PRO A 49 -2.74 -8.32 10.94
CA PRO A 49 -2.34 -8.02 12.32
C PRO A 49 -2.73 -6.62 12.82
N HIS A 50 -3.45 -5.85 12.00
CA HIS A 50 -3.92 -4.53 12.40
C HIS A 50 -5.23 -4.67 13.15
N GLN A 51 -5.46 -3.80 14.10
CA GLN A 51 -6.72 -3.82 14.87
C GLN A 51 -7.81 -3.18 14.01
N ILE A 52 -8.74 -3.98 13.54
CA ILE A 52 -9.80 -3.53 12.64
C ILE A 52 -11.06 -3.25 13.41
N LEU A 53 -11.71 -2.11 13.15
CA LEU A 53 -13.01 -1.79 13.72
C LEU A 53 -13.99 -1.60 12.58
N ASP A 54 -14.87 -2.59 12.42
CA ASP A 54 -15.95 -2.52 11.42
C ASP A 54 -17.05 -1.56 11.92
N GLY A 55 -17.25 -0.46 11.22
CA GLY A 55 -18.29 0.51 11.57
C GLY A 55 -19.71 -0.02 11.47
N GLU A 56 -19.90 -1.07 10.66
CA GLU A 56 -21.24 -1.67 10.46
C GLU A 56 -22.23 -0.57 10.01
N ASN A 57 -23.27 -0.27 10.78
CA ASN A 57 -24.22 0.79 10.39
C ASN A 57 -23.79 2.22 10.73
N CYS A 58 -22.63 2.38 11.37
CA CYS A 58 -22.22 3.64 11.96
C CYS A 58 -21.04 4.27 11.21
N THR A 59 -21.16 5.56 10.92
CA THR A 59 -20.00 6.34 10.54
C THR A 59 -19.19 6.61 11.80
N LEU A 60 -17.93 6.98 11.61
CA LEU A 60 -17.10 7.32 12.76
C LEU A 60 -17.72 8.46 13.57
N ILE A 61 -18.22 9.48 12.86
CA ILE A 61 -18.81 10.64 13.54
C ILE A 61 -20.07 10.25 14.31
N ASP A 62 -20.89 9.36 13.77
CA ASP A 62 -22.03 8.85 14.53
C ASP A 62 -21.62 8.08 15.78
N ALA A 63 -20.55 7.29 15.68
CA ALA A 63 -20.02 6.60 16.86
C ALA A 63 -19.45 7.56 17.91
N LEU A 64 -18.82 8.64 17.43
CA LEU A 64 -18.30 9.73 18.28
C LEU A 64 -19.42 10.38 19.09
N LEU A 65 -20.43 10.89 18.39
CA LEU A 65 -21.51 11.64 19.04
C LEU A 65 -22.36 10.75 19.92
N GLY A 66 -22.54 9.51 19.48
CA GLY A 66 -23.27 8.51 20.26
C GLY A 66 -24.70 8.34 19.78
N ASP A 67 -24.87 8.14 18.47
CA ASP A 67 -26.13 7.70 17.84
C ASP A 67 -26.54 6.35 18.49
N PRO A 68 -27.85 6.11 18.77
CA PRO A 68 -28.17 4.89 19.55
C PRO A 68 -27.79 3.55 18.90
N GLN A 69 -27.64 3.50 17.58
CA GLN A 69 -27.13 2.25 16.98
C GLN A 69 -25.61 2.02 17.19
N CYS A 70 -24.91 2.99 17.76
CA CYS A 70 -23.45 2.96 17.91
C CYS A 70 -22.97 2.81 19.35
N ASP A 71 -23.86 2.39 20.26
CA ASP A 71 -23.48 2.29 21.68
C ASP A 71 -22.41 1.25 21.96
N GLY A 72 -22.37 0.18 21.16
CA GLY A 72 -21.35 -0.84 21.28
C GLY A 72 -19.94 -0.35 20.98
N PHE A 73 -19.80 0.80 20.30
CA PHE A 73 -18.49 1.41 19.96
C PHE A 73 -17.81 2.20 21.10
N GLN A 74 -18.49 2.43 22.24
CA GLN A 74 -17.96 3.31 23.26
C GLN A 74 -16.56 2.88 23.72
N ASN A 75 -15.65 3.85 23.72
CA ASN A 75 -14.29 3.69 24.24
C ASN A 75 -13.39 2.74 23.45
N LYS A 76 -13.83 2.29 22.29
CA LYS A 76 -13.03 1.37 21.47
C LYS A 76 -11.91 2.11 20.74
N LYS A 77 -10.87 1.34 20.39
CA LYS A 77 -9.71 1.83 19.69
C LYS A 77 -9.61 1.04 18.36
N TRP A 78 -8.81 1.56 17.45
CA TRP A 78 -8.55 0.90 16.17
C TRP A 78 -7.23 1.34 15.60
N ASP A 79 -6.68 0.47 14.76
CA ASP A 79 -5.70 0.85 13.77
C ASP A 79 -6.42 1.33 12.53
N LEU A 80 -7.45 0.58 12.08
CA LEU A 80 -8.24 0.98 10.92
C LEU A 80 -9.73 0.86 11.18
N PHE A 81 -10.42 2.00 11.08
CA PHE A 81 -11.86 2.08 11.18
C PHE A 81 -12.38 1.88 9.76
N VAL A 82 -13.28 0.92 9.59
CA VAL A 82 -13.84 0.64 8.27
C VAL A 82 -15.27 1.16 8.21
N GLU A 83 -15.50 2.16 7.35
CA GLU A 83 -16.84 2.75 7.14
C GLU A 83 -17.54 2.13 5.95
N ARG A 84 -18.76 1.69 6.19
CA ARG A 84 -19.54 0.95 5.18
C ARG A 84 -20.46 1.90 4.43
N SER A 85 -20.73 1.63 3.16
CA SER A 85 -21.58 2.51 2.35
C SER A 85 -23.05 2.50 2.76
N LYS A 86 -23.48 1.43 3.43
CA LYS A 86 -24.85 1.30 3.95
C LYS A 86 -25.08 2.11 5.23
N ALA A 87 -24.05 2.67 5.85
CA ALA A 87 -24.23 3.37 7.12
C ALA A 87 -25.21 4.54 6.97
N TYR A 88 -26.02 4.76 8.00
CA TYR A 88 -27.00 5.85 7.99
C TYR A 88 -27.19 6.35 9.43
N SER A 89 -27.62 7.60 9.55
CA SER A 89 -27.82 8.22 10.86
C SER A 89 -29.29 8.06 11.26
N ASN A 90 -29.55 7.87 12.55
CA ASN A 90 -30.93 7.70 13.04
C ASN A 90 -31.11 8.40 14.39
N CYS A 91 -30.70 9.66 14.44
CA CYS A 91 -30.83 10.48 15.62
C CYS A 91 -31.25 11.85 15.13
N TYR A 92 -30.97 12.89 15.89
CA TYR A 92 -31.42 14.22 15.54
C TYR A 92 -30.60 14.66 14.36
N PRO A 93 -31.24 15.25 13.33
CA PRO A 93 -30.46 15.64 12.15
C PRO A 93 -29.39 16.70 12.46
N TYR A 94 -28.16 16.46 12.02
CA TYR A 94 -27.07 17.35 12.32
C TYR A 94 -26.18 17.58 11.12
N ASP A 95 -25.41 18.65 11.19
CA ASP A 95 -24.31 18.87 10.27
C ASP A 95 -23.06 19.26 11.04
N VAL A 96 -21.92 19.11 10.38
CA VAL A 96 -20.63 19.44 10.97
C VAL A 96 -19.90 20.31 9.98
N PRO A 97 -19.85 21.64 10.22
CA PRO A 97 -18.93 22.42 9.40
C PRO A 97 -17.50 21.83 9.48
N ASP A 98 -16.89 21.57 8.33
CA ASP A 98 -15.55 20.98 8.31
C ASP A 98 -15.53 19.46 8.55
N TYR A 99 -16.71 18.85 8.54
CA TYR A 99 -16.89 17.41 8.75
C TYR A 99 -15.64 16.61 8.40
N ALA A 100 -15.07 16.84 7.22
CA ALA A 100 -13.92 16.06 6.79
C ALA A 100 -12.76 16.15 7.76
N SER A 101 -12.53 17.33 8.32
CA SER A 101 -11.44 17.52 9.28
C SER A 101 -11.68 16.83 10.63
N LEU A 102 -12.90 16.90 11.16
CA LEU A 102 -13.22 16.19 12.41
C LEU A 102 -13.09 14.69 12.21
N ARG A 103 -13.64 14.18 11.12
CA ARG A 103 -13.53 12.76 10.76
C ARG A 103 -12.05 12.35 10.69
N SER A 104 -11.24 13.16 10.00
CA SER A 104 -9.82 12.89 9.88
C SER A 104 -9.07 12.88 11.21
N LEU A 105 -9.30 13.90 12.06
CA LEU A 105 -8.51 13.97 13.29
C LEU A 105 -8.88 12.86 14.30
N VAL A 106 -10.14 12.47 14.34
CA VAL A 106 -10.56 11.35 15.19
C VAL A 106 -10.03 10.03 14.62
N ALA A 107 -10.12 9.85 13.30
CA ALA A 107 -9.59 8.64 12.64
C ALA A 107 -8.12 8.41 12.96
N SER A 108 -7.35 9.48 12.86
CA SER A 108 -5.91 9.48 13.08
C SER A 108 -5.54 9.25 14.55
N SER A 109 -6.37 9.77 15.45
CA SER A 109 -6.18 9.57 16.91
C SER A 109 -6.39 8.10 17.29
N GLY A 110 -7.37 7.46 16.69
CA GLY A 110 -7.53 6.00 16.80
C GLY A 110 -8.21 5.54 18.06
N THR A 111 -8.92 6.45 18.73
CA THR A 111 -9.64 6.11 19.94
C THR A 111 -10.92 6.89 20.12
N LEU A 112 -11.90 6.23 20.73
CA LEU A 112 -13.14 6.86 21.18
C LEU A 112 -13.21 6.92 22.70
N GLU A 113 -12.08 6.70 23.36
CA GLU A 113 -11.98 6.85 24.81
C GLU A 113 -12.59 8.17 25.29
N PHE A 114 -13.56 8.07 26.17
CA PHE A 114 -14.34 9.21 26.62
C PHE A 114 -14.32 9.26 28.13
N ASN A 115 -14.15 10.47 28.67
CA ASN A 115 -14.18 10.67 30.11
C ASN A 115 -15.26 11.69 30.47
N ASN A 116 -16.24 11.27 31.28
CA ASN A 116 -17.30 12.17 31.73
C ASN A 116 -16.72 13.20 32.68
N GLU A 117 -17.26 14.39 32.63
CA GLU A 117 -16.91 15.44 33.57
C GLU A 117 -18.15 16.07 34.15
N SER A 118 -18.03 16.58 35.38
CA SER A 118 -19.15 17.19 36.11
C SER A 118 -19.24 18.68 35.82
N PHE A 119 -19.92 19.02 34.73
CA PHE A 119 -20.21 20.41 34.39
C PHE A 119 -21.28 20.95 35.32
N ASN A 120 -21.11 22.20 35.75
CA ASN A 120 -22.07 22.86 36.63
C ASN A 120 -23.15 23.54 35.77
N TRP A 121 -24.24 22.82 35.48
CA TRP A 121 -25.36 23.37 34.71
C TRP A 121 -26.52 23.83 35.62
N THR A 122 -26.20 24.60 36.65
CA THR A 122 -27.24 25.09 37.56
C THR A 122 -28.17 26.05 36.83
N GLY A 123 -29.48 25.84 36.99
CA GLY A 123 -30.50 26.74 36.44
C GLY A 123 -31.23 26.30 35.18
N VAL A 124 -30.83 25.16 34.60
CA VAL A 124 -31.46 24.63 33.40
C VAL A 124 -31.87 23.16 33.59
N THR A 125 -32.73 22.68 32.73
CA THR A 125 -33.08 21.26 32.68
C THR A 125 -32.07 20.52 31.78
N GLN A 126 -31.47 19.45 32.29
CA GLN A 126 -30.51 18.63 31.51
C GLN A 126 -31.21 17.47 30.85
N ASN A 127 -30.49 16.79 29.93
CA ASN A 127 -30.90 15.48 29.41
C ASN A 127 -32.13 15.52 28.50
N GLY A 128 -32.23 16.57 27.68
CA GLY A 128 -33.31 16.68 26.71
C GLY A 128 -33.30 15.52 25.73
N THR A 129 -34.49 15.03 25.41
CA THR A 129 -34.61 13.94 24.45
C THR A 129 -35.53 14.30 23.31
N SER A 130 -35.58 13.43 22.30
CA SER A 130 -36.37 13.65 21.09
C SER A 130 -36.88 12.31 20.56
N SER A 131 -38.02 12.38 19.87
CA SER A 131 -38.61 11.20 19.19
C SER A 131 -37.84 10.82 17.93
N ALA A 132 -37.02 11.73 17.40
CA ALA A 132 -36.14 11.42 16.28
C ALA A 132 -34.88 10.64 16.67
N CYS A 133 -34.72 10.29 17.94
CA CYS A 133 -33.52 9.58 18.43
C CYS A 133 -33.96 8.55 19.49
N ILE A 134 -34.43 7.41 19.00
CA ILE A 134 -35.01 6.36 19.85
C ILE A 134 -33.92 5.41 20.34
N ARG A 135 -33.86 5.20 21.65
CA ARG A 135 -32.94 4.23 22.27
C ARG A 135 -33.73 3.29 23.20
N ARG A 136 -33.96 2.06 22.73
CA ARG A 136 -34.79 1.05 23.40
C ARG A 136 -36.24 1.52 23.56
N SER A 137 -36.87 1.84 22.43
CA SER A 137 -38.25 2.38 22.36
C SER A 137 -38.51 3.74 23.05
N ASN A 138 -37.61 4.18 23.93
CA ASN A 138 -37.74 5.47 24.60
C ASN A 138 -37.13 6.56 23.73
N ASN A 139 -37.76 7.74 23.76
CA ASN A 139 -37.12 8.97 23.24
C ASN A 139 -35.76 9.16 23.93
N SER A 140 -34.77 9.58 23.14
CA SER A 140 -33.41 9.70 23.63
C SER A 140 -32.67 10.81 22.88
N PHE A 141 -31.35 10.74 22.94
CA PHE A 141 -30.50 11.73 22.31
C PHE A 141 -29.07 11.15 22.20
N PHE A 142 -28.19 11.84 21.49
CA PHE A 142 -26.78 11.48 21.44
C PHE A 142 -26.23 11.23 22.86
N SER A 143 -25.56 10.10 23.03
CA SER A 143 -25.07 9.71 24.38
C SER A 143 -24.00 10.67 24.92
N ARG A 144 -23.21 11.31 24.04
CA ARG A 144 -22.11 12.16 24.49
C ARG A 144 -22.45 13.64 24.58
N LEU A 145 -23.70 13.98 24.28
CA LEU A 145 -24.15 15.37 24.28
C LEU A 145 -25.31 15.57 25.25
N ASN A 146 -25.46 16.79 25.75
CA ASN A 146 -26.40 17.09 26.81
C ASN A 146 -27.27 18.27 26.36
N TRP A 147 -28.50 17.96 25.95
CA TRP A 147 -29.43 18.97 25.49
C TRP A 147 -30.04 19.73 26.70
N LEU A 148 -29.62 20.99 26.89
CA LEU A 148 -30.08 21.82 28.01
C LEU A 148 -31.30 22.66 27.60
N THR A 149 -32.33 22.68 28.45
CA THR A 149 -33.56 23.49 28.20
C THR A 149 -33.93 24.28 29.45
N HIS A 150 -34.97 25.11 29.35
CA HIS A 150 -35.40 25.92 30.48
C HIS A 150 -35.77 25.09 31.71
N LEU A 151 -35.61 25.71 32.88
CA LEU A 151 -36.09 25.19 34.16
C LEU A 151 -37.12 26.21 34.65
N LYS A 152 -38.38 25.82 34.67
CA LYS A 152 -39.50 26.66 35.15
C LYS A 152 -39.57 28.01 34.42
N PHE A 153 -39.56 27.89 33.10
CA PHE A 153 -39.58 29.00 32.13
C PHE A 153 -38.48 30.05 32.29
N LYS A 154 -37.36 29.62 32.88
CA LYS A 154 -36.14 30.43 33.00
C LYS A 154 -34.95 29.69 32.40
N TYR A 155 -34.10 30.41 31.67
CA TYR A 155 -32.82 29.90 31.21
C TYR A 155 -31.82 31.01 31.52
N PRO A 156 -31.08 30.90 32.63
CA PRO A 156 -30.18 31.99 32.94
C PRO A 156 -28.90 31.87 32.15
N ALA A 157 -28.15 32.97 32.09
CA ALA A 157 -26.90 32.99 31.35
C ALA A 157 -25.95 31.96 31.95
N LEU A 158 -25.41 31.10 31.08
CA LEU A 158 -24.46 30.09 31.53
C LEU A 158 -23.08 30.68 31.33
N ASN A 159 -22.20 30.45 32.30
CA ASN A 159 -20.82 30.88 32.26
C ASN A 159 -20.05 29.80 33.02
N VAL A 160 -19.76 28.71 32.31
CA VAL A 160 -19.34 27.44 32.90
C VAL A 160 -17.92 27.10 32.46
N THR A 161 -17.11 26.67 33.42
CA THR A 161 -15.68 26.52 33.24
C THR A 161 -15.32 25.05 33.44
N MET A 162 -14.28 24.57 32.74
CA MET A 162 -13.73 23.26 33.01
C MET A 162 -12.22 23.27 32.75
N PRO A 163 -11.41 23.21 33.82
CA PRO A 163 -9.96 23.25 33.62
C PRO A 163 -9.42 21.91 33.16
N ASN A 164 -8.34 21.97 32.37
CA ASN A 164 -7.56 20.82 32.03
C ASN A 164 -6.29 20.81 32.91
N ASN A 165 -6.38 20.08 34.01
CA ASN A 165 -5.22 19.84 34.88
C ASN A 165 -4.66 18.44 34.66
N GLU A 166 -4.91 17.88 33.47
CA GLU A 166 -4.30 16.62 33.03
C GLU A 166 -3.00 16.96 32.34
N LYS A 167 -2.27 15.90 31.98
CA LYS A 167 -1.00 16.01 31.25
C LYS A 167 -1.16 15.79 29.74
N PHE A 168 -2.40 15.57 29.28
CA PHE A 168 -2.71 15.38 27.86
C PHE A 168 -3.77 16.39 27.43
N ASP A 169 -3.97 16.51 26.12
CA ASP A 169 -5.00 17.33 25.52
C ASP A 169 -6.35 16.67 25.61
N LYS A 170 -7.40 17.50 25.64
CA LYS A 170 -8.78 17.06 25.67
C LYS A 170 -9.49 17.54 24.42
N LEU A 171 -10.28 16.65 23.80
CA LEU A 171 -11.13 17.01 22.66
C LEU A 171 -12.58 17.11 23.14
N TYR A 172 -13.14 18.32 23.06
CA TYR A 172 -14.53 18.55 23.38
C TYR A 172 -15.38 18.67 22.12
N ILE A 173 -16.48 17.92 22.09
CA ILE A 173 -17.49 18.01 21.05
C ILE A 173 -18.75 18.63 21.63
N TRP A 174 -19.29 19.62 20.92
CA TRP A 174 -20.46 20.35 21.37
C TRP A 174 -21.25 20.83 20.18
N GLY A 175 -22.40 21.44 20.43
CA GLY A 175 -23.29 21.82 19.34
C GLY A 175 -24.22 22.96 19.62
N VAL A 176 -24.79 23.51 18.55
CA VAL A 176 -25.79 24.56 18.62
C VAL A 176 -27.08 24.03 18.00
N HIS A 177 -28.21 24.23 18.69
CA HIS A 177 -29.52 23.84 18.18
C HIS A 177 -30.15 25.00 17.44
N HIS A 178 -30.54 24.74 16.18
CA HIS A 178 -31.26 25.67 15.34
C HIS A 178 -32.74 25.25 15.29
N PRO A 179 -33.62 25.90 16.07
CA PRO A 179 -35.02 25.46 16.03
C PRO A 179 -35.76 25.79 14.73
N GLY A 180 -36.78 25.00 14.42
CA GLY A 180 -37.56 25.18 13.20
C GLY A 180 -38.42 26.43 13.17
N THR A 181 -38.84 26.90 14.36
CA THR A 181 -39.71 28.08 14.51
C THR A 181 -39.45 28.89 15.78
N ASP A 182 -39.96 30.13 15.77
CA ASP A 182 -39.94 31.00 16.96
C ASP A 182 -40.66 30.38 18.17
N ASN A 183 -41.74 29.64 17.93
CA ASN A 183 -42.46 28.91 18.98
C ASN A 183 -41.54 27.92 19.67
N ASP A 184 -40.83 27.14 18.85
CA ASP A 184 -39.93 26.11 19.37
C ASP A 184 -38.84 26.73 20.22
N GLN A 185 -38.28 27.84 19.75
CA GLN A 185 -37.27 28.60 20.49
C GLN A 185 -37.76 28.95 21.91
N ILE A 186 -38.97 29.49 21.98
CA ILE A 186 -39.56 29.88 23.27
C ILE A 186 -39.87 28.66 24.13
N PHE A 187 -40.48 27.64 23.54
CA PHE A 187 -40.82 26.42 24.27
C PHE A 187 -39.59 25.78 24.93
N LEU A 188 -38.46 25.76 24.21
CA LEU A 188 -37.25 25.09 24.70
C LEU A 188 -36.42 25.95 25.64
N TYR A 189 -36.20 27.21 25.28
CA TYR A 189 -35.22 28.08 25.97
C TYR A 189 -35.81 29.31 26.68
N ALA A 190 -37.12 29.52 26.51
CA ALA A 190 -37.87 30.59 27.18
C ALA A 190 -37.42 32.00 26.88
N GLN A 191 -36.71 32.19 25.78
CA GLN A 191 -36.26 33.53 25.39
C GLN A 191 -35.82 33.52 23.93
N ALA A 192 -35.64 34.71 23.38
CA ALA A 192 -35.16 34.88 22.03
C ALA A 192 -33.74 34.37 21.93
N SER A 193 -33.39 33.84 20.77
CA SER A 193 -32.08 33.27 20.59
C SER A 193 -30.96 34.30 20.67
N GLY A 194 -29.81 33.80 21.08
CA GLY A 194 -28.60 34.59 21.14
C GLY A 194 -27.41 33.67 20.99
N ARG A 195 -26.24 34.27 20.90
CA ARG A 195 -25.02 33.52 20.58
C ARG A 195 -24.45 32.64 21.70
N ILE A 196 -23.65 31.65 21.28
CA ILE A 196 -22.88 30.75 22.14
C ILE A 196 -21.42 31.06 21.87
N THR A 197 -20.65 31.26 22.93
CA THR A 197 -19.22 31.49 22.81
C THR A 197 -18.48 30.46 23.63
N VAL A 198 -17.63 29.69 22.96
CA VAL A 198 -16.79 28.69 23.62
C VAL A 198 -15.37 29.14 23.46
N SER A 199 -14.66 29.29 24.58
CA SER A 199 -13.30 29.84 24.58
C SER A 199 -12.30 29.12 25.49
N THR A 200 -11.04 29.40 25.21
CA THR A 200 -9.91 28.95 26.01
C THR A 200 -8.98 30.15 26.09
N LYS A 201 -7.84 30.00 26.74
CA LYS A 201 -6.79 31.02 26.66
C LYS A 201 -6.27 31.29 25.24
N ARG A 202 -6.34 30.30 24.36
CA ARG A 202 -5.73 30.44 23.02
C ARG A 202 -6.72 30.50 21.87
N SER A 203 -8.01 30.31 22.13
CA SER A 203 -9.01 30.24 21.06
C SER A 203 -10.39 30.76 21.48
N GLN A 204 -11.21 31.12 20.49
CA GLN A 204 -12.58 31.52 20.75
C GLN A 204 -13.43 31.13 19.56
N GLN A 205 -14.59 30.54 19.81
CA GLN A 205 -15.54 30.23 18.77
C GLN A 205 -16.89 30.77 19.19
N THR A 206 -17.48 31.65 18.39
CA THR A 206 -18.85 32.04 18.63
C THR A 206 -19.74 31.68 17.46
N VAL A 207 -20.90 31.13 17.81
CA VAL A 207 -21.88 30.63 16.87
C VAL A 207 -23.25 31.25 17.19
N ILE A 208 -23.97 31.62 16.12
CA ILE A 208 -25.29 32.24 16.16
C ILE A 208 -26.36 31.20 15.76
N PRO A 209 -27.30 30.86 16.69
CA PRO A 209 -28.44 30.04 16.27
C PRO A 209 -29.31 30.78 15.26
N ASN A 210 -29.75 30.07 14.22
CA ASN A 210 -30.51 30.64 13.13
C ASN A 210 -31.81 29.85 13.07
N ILE A 211 -32.89 30.51 13.50
CA ILE A 211 -34.20 29.88 13.55
C ILE A 211 -34.77 29.82 12.14
N GLY A 212 -35.42 28.69 11.82
CA GLY A 212 -36.05 28.51 10.52
C GLY A 212 -36.24 27.06 10.15
N SER A 213 -37.22 26.81 9.28
CA SER A 213 -37.47 25.48 8.75
C SER A 213 -36.42 25.11 7.70
N ARG A 214 -35.85 23.92 7.86
CA ARG A 214 -35.10 23.24 6.82
C ARG A 214 -35.98 22.09 6.35
N PRO A 215 -35.75 21.56 5.15
CA PRO A 215 -36.51 20.39 4.71
C PRO A 215 -36.44 19.27 5.74
N ARG A 216 -37.56 18.62 6.03
CA ARG A 216 -37.57 17.67 7.13
C ARG A 216 -36.73 16.44 6.84
N VAL A 217 -36.02 15.97 7.85
CA VAL A 217 -35.24 14.74 7.80
C VAL A 217 -35.77 13.91 8.95
N ARG A 218 -36.29 12.72 8.64
CA ARG A 218 -36.97 11.87 9.61
C ARG A 218 -37.97 12.74 10.41
N ASN A 219 -38.73 13.53 9.65
CA ASN A 219 -39.77 14.45 10.13
C ASN A 219 -39.32 15.65 10.98
N ILE A 220 -38.02 15.97 11.01
CA ILE A 220 -37.48 17.06 11.83
C ILE A 220 -37.00 18.21 10.92
N PRO A 221 -37.60 19.41 11.04
CA PRO A 221 -37.17 20.59 10.31
C PRO A 221 -36.09 21.43 11.03
N SER A 222 -35.79 21.15 12.29
CA SER A 222 -34.66 21.80 12.97
C SER A 222 -33.32 21.08 12.66
N ARG A 223 -32.23 21.65 13.16
CA ARG A 223 -30.89 21.09 12.96
C ARG A 223 -30.03 21.35 14.16
N ILE A 224 -29.03 20.50 14.36
CA ILE A 224 -27.94 20.78 15.27
C ILE A 224 -26.68 20.93 14.44
N SER A 225 -25.87 21.94 14.72
CA SER A 225 -24.55 22.07 14.11
C SER A 225 -23.49 21.71 15.14
N ILE A 226 -22.53 20.85 14.75
CA ILE A 226 -21.52 20.31 15.66
C ILE A 226 -20.21 21.06 15.49
N TYR A 227 -19.61 21.40 16.63
CA TYR A 227 -18.32 22.07 16.72
C TYR A 227 -17.39 21.29 17.64
N TRP A 228 -16.09 21.57 17.55
CA TRP A 228 -15.13 20.97 18.48
C TRP A 228 -14.08 21.95 18.95
N THR A 229 -13.53 21.65 20.12
CA THR A 229 -12.48 22.46 20.71
C THR A 229 -11.47 21.54 21.39
N ILE A 230 -10.19 21.79 21.14
CA ILE A 230 -9.13 21.09 21.84
C ILE A 230 -8.61 21.99 22.94
N VAL A 231 -8.49 21.44 24.16
CA VAL A 231 -8.02 22.18 25.34
C VAL A 231 -6.70 21.55 25.81
N LYS A 232 -5.63 22.36 25.81
CA LYS A 232 -4.28 21.90 26.18
C LYS A 232 -4.13 21.86 27.71
N PRO A 233 -3.11 21.12 28.22
CA PRO A 233 -2.83 21.10 29.66
C PRO A 233 -2.64 22.50 30.26
N GLY A 234 -3.29 22.75 31.39
CA GLY A 234 -3.22 24.04 32.07
C GLY A 234 -4.04 25.14 31.44
N ASP A 235 -4.82 24.80 30.41
CA ASP A 235 -5.77 25.72 29.80
C ASP A 235 -7.14 25.35 30.38
N ILE A 236 -8.17 26.08 29.97
CA ILE A 236 -9.47 26.05 30.60
C ILE A 236 -10.52 26.24 29.52
N LEU A 237 -11.51 25.35 29.50
CA LEU A 237 -12.69 25.53 28.65
C LEU A 237 -13.70 26.45 29.33
N LEU A 238 -14.21 27.42 28.58
CA LEU A 238 -15.27 28.29 29.06
C LEU A 238 -16.41 28.31 28.07
N ILE A 239 -17.61 28.02 28.56
CA ILE A 239 -18.82 27.97 27.76
C ILE A 239 -19.78 29.06 28.27
N ASN A 240 -20.17 29.96 27.35
CA ASN A 240 -21.00 31.14 27.62
C ASN A 240 -22.22 31.04 26.67
N SER A 241 -23.42 30.78 27.22
CA SER A 241 -24.66 30.61 26.44
C SER A 241 -25.89 31.18 27.17
N THR A 242 -26.87 31.65 26.39
CA THR A 242 -28.21 31.98 26.89
C THR A 242 -29.28 31.16 26.18
N GLY A 243 -28.94 29.95 25.71
CA GLY A 243 -29.90 29.11 25.00
C GLY A 243 -29.22 28.40 23.85
N ASN A 244 -29.88 27.36 23.36
CA ASN A 244 -29.51 26.67 22.12
C ASN A 244 -28.21 25.86 22.20
N LEU A 245 -27.72 25.61 23.42
CA LEU A 245 -26.49 24.92 23.63
C LEU A 245 -26.76 23.42 23.77
N ILE A 246 -26.07 22.64 22.94
CA ILE A 246 -25.98 21.18 23.06
C ILE A 246 -24.60 21.00 23.69
N ALA A 247 -24.61 20.70 24.98
CA ALA A 247 -23.40 20.75 25.80
C ALA A 247 -22.60 19.45 25.75
N PRO A 248 -21.27 19.54 25.96
CA PRO A 248 -20.49 18.34 26.12
C PRO A 248 -20.78 17.67 27.48
N ARG A 249 -20.62 16.35 27.54
CA ARG A 249 -20.69 15.61 28.81
C ARG A 249 -19.31 15.31 29.36
N GLY A 250 -18.28 15.65 28.60
CA GLY A 250 -16.90 15.34 28.96
C GLY A 250 -16.05 15.47 27.74
N TYR A 251 -14.92 14.79 27.74
CA TYR A 251 -13.96 14.89 26.63
C TYR A 251 -13.51 13.54 26.11
N PHE A 252 -13.03 13.59 24.87
CA PHE A 252 -12.34 12.47 24.25
C PHE A 252 -10.87 12.67 24.45
N LYS A 253 -10.16 11.57 24.63
CA LYS A 253 -8.72 11.59 24.63
C LYS A 253 -8.32 11.72 23.19
N ILE A 254 -7.21 12.39 22.96
CA ILE A 254 -6.71 12.51 21.62
C ILE A 254 -5.27 12.01 21.66
N ARG A 255 -4.98 11.02 20.81
CA ARG A 255 -3.68 10.38 20.79
C ARG A 255 -3.07 10.61 19.43
N SER A 256 -1.77 10.33 19.32
CA SER A 256 -1.13 10.23 18.01
C SER A 256 -0.59 8.81 17.79
N GLY A 257 -0.58 8.41 16.53
CA GLY A 257 -0.11 7.09 16.19
C GLY A 257 -0.48 6.77 14.75
N LYS A 258 -0.64 5.48 14.50
CA LYS A 258 -0.73 4.95 13.16
C LYS A 258 -2.17 4.73 12.69
N SER A 259 -3.18 5.28 13.37
CA SER A 259 -4.55 4.92 13.04
C SER A 259 -5.07 5.70 11.82
N SER A 260 -6.07 5.11 11.13
CA SER A 260 -6.72 5.76 10.02
C SER A 260 -8.13 5.24 9.84
N ILE A 261 -8.75 5.62 8.72
CA ILE A 261 -10.09 5.24 8.35
C ILE A 261 -10.15 4.92 6.86
N MET A 262 -10.99 3.96 6.49
CA MET A 262 -11.11 3.56 5.08
C MET A 262 -12.56 3.30 4.76
N ARG A 263 -12.99 3.71 3.58
CA ARG A 263 -14.33 3.35 3.07
C ARG A 263 -14.27 2.07 2.27
N SER A 264 -15.00 1.05 2.70
CA SER A 264 -14.96 -0.25 2.00
C SER A 264 -16.20 -1.04 2.35
N ASP A 265 -16.67 -1.82 1.38
CA ASP A 265 -17.71 -2.83 1.67
C ASP A 265 -17.20 -4.26 1.71
N ALA A 266 -15.88 -4.44 1.77
CA ALA A 266 -15.31 -5.78 1.80
C ALA A 266 -15.57 -6.44 3.15
N PRO A 267 -15.95 -7.74 3.16
CA PRO A 267 -16.08 -8.45 4.44
C PRO A 267 -14.76 -8.56 5.20
N ILE A 268 -14.86 -8.60 6.53
CA ILE A 268 -13.70 -8.84 7.38
C ILE A 268 -13.53 -10.35 7.49
N GLY A 269 -12.32 -10.85 7.27
CA GLY A 269 -12.01 -12.28 7.36
C GLY A 269 -11.07 -12.60 8.51
N LYS A 270 -11.08 -13.86 8.95
CA LYS A 270 -10.14 -14.37 9.95
C LYS A 270 -8.89 -14.83 9.23
N CYS A 271 -7.95 -13.91 9.06
CA CYS A 271 -6.76 -14.16 8.26
C CYS A 271 -5.75 -13.07 8.60
N ASN A 272 -4.54 -13.21 8.09
CA ASN A 272 -3.42 -12.35 8.44
C ASN A 272 -2.83 -11.75 7.19
N SER A 273 -2.93 -10.43 7.05
CA SER A 273 -2.27 -9.72 5.94
C SER A 273 -1.89 -8.28 6.33
N GLU A 274 -0.67 -7.88 6.00
CA GLU A 274 -0.17 -6.55 6.39
C GLU A 274 -0.77 -5.37 5.56
N CYS A 275 -1.20 -5.64 4.33
CA CYS A 275 -1.64 -4.57 3.43
C CYS A 275 -3.15 -4.64 3.22
N ILE A 276 -3.83 -3.54 3.52
CA ILE A 276 -5.28 -3.44 3.35
C ILE A 276 -5.57 -2.42 2.23
N THR A 277 -6.49 -2.80 1.34
CA THR A 277 -7.10 -1.89 0.40
C THR A 277 -8.61 -1.99 0.51
N PRO A 278 -9.36 -1.03 -0.08
CA PRO A 278 -10.83 -1.16 -0.05
C PRO A 278 -11.39 -2.38 -0.74
N ASN A 279 -10.61 -2.98 -1.64
CA ASN A 279 -11.01 -4.21 -2.32
C ASN A 279 -10.72 -5.45 -1.50
N GLY A 280 -10.04 -5.32 -0.36
CA GLY A 280 -9.58 -6.45 0.40
C GLY A 280 -8.10 -6.35 0.64
N SER A 281 -7.61 -7.20 1.52
CA SER A 281 -6.17 -7.28 1.76
C SER A 281 -5.48 -7.84 0.51
N ILE A 282 -4.22 -7.44 0.34
CA ILE A 282 -3.40 -7.94 -0.75
C ILE A 282 -2.06 -8.39 -0.25
N PRO A 283 -1.47 -9.40 -0.90
CA PRO A 283 -0.10 -9.77 -0.57
C PRO A 283 0.85 -8.61 -0.86
N ASN A 284 1.95 -8.57 -0.11
CA ASN A 284 2.90 -7.45 -0.23
C ASN A 284 4.31 -7.88 -0.60
N ASP A 285 4.45 -9.06 -1.20
CA ASP A 285 5.76 -9.51 -1.71
C ASP A 285 6.25 -8.60 -2.87
N LYS A 286 5.34 -8.15 -3.73
CA LYS A 286 5.72 -7.40 -4.92
C LYS A 286 5.92 -5.92 -4.59
N PRO A 287 6.74 -5.22 -5.37
CA PRO A 287 7.00 -3.81 -5.06
C PRO A 287 5.89 -2.88 -5.48
N PHE A 288 5.07 -3.29 -6.43
CA PHE A 288 4.01 -2.45 -7.01
C PHE A 288 2.68 -3.20 -7.00
N GLN A 289 1.60 -2.44 -7.15
CA GLN A 289 0.26 -3.00 -7.21
C GLN A 289 -0.64 -2.08 -8.00
N ASN A 290 -1.68 -2.64 -8.59
CA ASN A 290 -2.65 -1.85 -9.35
CA ASN A 290 -2.65 -1.91 -9.40
C ASN A 290 -4.08 -2.13 -8.88
N VAL A 291 -4.19 -2.53 -7.62
CA VAL A 291 -5.48 -2.85 -7.04
C VAL A 291 -6.21 -1.55 -6.63
N ASN A 292 -5.56 -0.70 -5.88
CA ASN A 292 -6.20 0.54 -5.40
C ASN A 292 -5.17 1.53 -4.96
N ARG A 293 -5.37 2.81 -5.31
CA ARG A 293 -4.55 3.90 -4.76
CA ARG A 293 -4.54 3.88 -4.77
C ARG A 293 -4.72 4.10 -3.26
N ILE A 294 -5.84 3.64 -2.72
CA ILE A 294 -6.10 3.71 -1.29
C ILE A 294 -5.53 2.48 -0.62
N THR A 295 -4.59 2.69 0.29
CA THR A 295 -3.99 1.58 1.02
C THR A 295 -3.72 1.95 2.48
N TYR A 296 -3.55 0.91 3.28
CA TYR A 296 -3.18 1.05 4.70
C TYR A 296 -2.27 -0.11 5.06
N GLY A 297 -1.14 0.19 5.67
CA GLY A 297 -0.17 -0.81 6.13
C GLY A 297 1.05 -0.90 5.24
N ALA A 298 1.75 -2.03 5.31
CA ALA A 298 2.95 -2.26 4.52
C ALA A 298 2.51 -2.76 3.15
N CYS A 299 2.44 -1.84 2.20
CA CYS A 299 1.80 -2.10 0.92
C CYS A 299 2.73 -1.83 -0.25
N PRO A 300 2.54 -2.58 -1.35
CA PRO A 300 3.23 -2.19 -2.58
C PRO A 300 2.73 -0.83 -3.05
N ARG A 301 3.54 -0.15 -3.86
CA ARG A 301 3.17 1.17 -4.37
C ARG A 301 2.23 1.06 -5.54
N TYR A 302 1.21 1.91 -5.52
CA TYR A 302 0.24 1.93 -6.62
C TYR A 302 0.84 2.48 -7.92
N VAL A 303 0.67 1.73 -8.97
CA VAL A 303 1.03 2.15 -10.32
C VAL A 303 -0.13 1.90 -11.29
N LYS A 304 -0.04 2.53 -12.47
CA LYS A 304 -1.07 2.35 -13.50
C LYS A 304 -0.99 1.07 -14.31
N GLN A 305 0.21 0.50 -14.41
CA GLN A 305 0.42 -0.74 -15.16
C GLN A 305 -0.28 -1.92 -14.48
N ASN A 306 -0.88 -2.80 -15.28
CA ASN A 306 -1.45 -4.03 -14.70
C ASN A 306 -0.48 -5.21 -14.65
N THR A 307 0.66 -5.10 -15.34
CA THR A 307 1.71 -6.12 -15.33
C THR A 307 3.07 -5.45 -15.63
N LEU A 308 4.10 -5.88 -14.93
CA LEU A 308 5.48 -5.48 -15.19
C LEU A 308 6.34 -6.71 -14.92
N LYS A 309 6.87 -7.32 -16.00
CA LYS A 309 7.62 -8.56 -15.87
C LYS A 309 9.11 -8.34 -15.78
N LEU A 310 9.71 -8.77 -14.68
CA LEU A 310 11.16 -8.71 -14.47
C LEU A 310 11.80 -10.00 -14.97
N ALA A 311 12.69 -9.90 -15.95
CA ALA A 311 13.46 -11.08 -16.38
C ALA A 311 14.26 -11.68 -15.23
N THR A 312 14.22 -13.00 -15.13
CA THR A 312 15.00 -13.73 -14.16
C THR A 312 15.80 -14.83 -14.83
N GLY A 313 16.06 -14.64 -16.12
CA GLY A 313 16.88 -15.59 -16.88
C GLY A 313 17.33 -14.89 -18.16
N MET A 314 18.17 -15.59 -18.89
CA MET A 314 18.76 -15.10 -20.10
C MET A 314 17.75 -15.06 -21.26
N ARG A 315 18.19 -14.45 -22.35
CA ARG A 315 17.45 -14.51 -23.59
C ARG A 315 17.19 -15.98 -23.95
N ASN A 316 15.98 -16.28 -24.35
CA ASN A 316 15.60 -17.62 -24.75
C ASN A 316 15.74 -17.73 -26.27
N VAL A 317 16.61 -18.64 -26.69
CA VAL A 317 16.96 -18.83 -28.12
C VAL A 317 16.71 -20.31 -28.42
N PRO A 318 15.45 -20.65 -28.75
CA PRO A 318 15.09 -22.07 -28.90
C PRO A 318 15.73 -22.72 -30.11
N GLU A 319 15.91 -24.04 -30.05
CA GLU A 319 16.40 -24.84 -31.20
C GLU A 319 15.54 -24.71 -32.45
N GLY B 1 23.01 -9.52 -25.05
CA GLY B 1 23.24 -9.20 -26.48
C GLY B 1 24.51 -8.41 -26.76
N ILE B 2 24.91 -7.56 -25.83
CA ILE B 2 25.97 -6.58 -26.10
C ILE B 2 27.34 -7.25 -26.20
N PHE B 3 27.49 -8.46 -25.64
CA PHE B 3 28.75 -9.21 -25.74
C PHE B 3 28.82 -10.10 -26.97
N GLY B 4 27.69 -10.49 -27.50
CA GLY B 4 27.66 -11.12 -28.79
C GLY B 4 27.68 -12.65 -28.81
N ALA B 5 27.52 -13.29 -27.64
CA ALA B 5 27.54 -14.75 -27.54
C ALA B 5 26.11 -15.29 -27.64
N ILE B 6 25.29 -15.00 -26.64
CA ILE B 6 23.90 -15.45 -26.62
C ILE B 6 23.09 -14.71 -27.66
N ALA B 7 22.42 -15.44 -28.53
CA ALA B 7 21.75 -14.86 -29.70
C ALA B 7 22.74 -14.20 -30.68
N GLY B 8 24.01 -14.61 -30.61
CA GLY B 8 25.04 -14.03 -31.46
C GLY B 8 25.83 -15.16 -32.11
N PHE B 9 27.09 -15.34 -31.70
CA PHE B 9 27.89 -16.40 -32.29
C PHE B 9 27.50 -17.81 -31.84
N ILE B 10 26.88 -17.94 -30.66
CA ILE B 10 26.24 -19.20 -30.33
CA ILE B 10 26.20 -19.17 -30.25
C ILE B 10 24.86 -19.19 -30.97
N GLU B 11 24.67 -20.12 -31.89
CA GLU B 11 23.48 -20.10 -32.76
C GLU B 11 22.16 -20.25 -32.02
N ASN B 12 22.14 -21.13 -31.03
CA ASN B 12 20.96 -21.29 -30.20
C ASN B 12 21.26 -21.95 -28.87
N GLY B 13 20.27 -21.92 -28.01
CA GLY B 13 20.36 -22.57 -26.71
C GLY B 13 20.08 -24.05 -26.81
N TRP B 14 20.29 -24.74 -25.71
CA TRP B 14 20.13 -26.19 -25.59
C TRP B 14 18.98 -26.50 -24.64
N GLU B 15 17.83 -26.91 -25.18
CA GLU B 15 16.69 -27.30 -24.37
C GLU B 15 16.93 -28.53 -23.50
N GLY B 16 17.87 -29.38 -23.93
CA GLY B 16 18.24 -30.57 -23.17
C GLY B 16 19.27 -30.34 -22.09
N MET B 17 19.72 -29.09 -21.87
CA MET B 17 20.52 -28.80 -20.70
C MET B 17 19.61 -28.30 -19.59
N VAL B 18 19.32 -29.18 -18.63
CA VAL B 18 18.42 -28.87 -17.55
C VAL B 18 19.11 -28.79 -16.18
N ASP B 19 20.40 -29.08 -16.08
CA ASP B 19 21.09 -29.04 -14.77
C ASP B 19 22.07 -27.87 -14.66
N GLY B 20 22.02 -26.98 -15.63
CA GLY B 20 22.71 -25.69 -15.52
C GLY B 20 22.28 -24.75 -16.60
N TRP B 21 22.80 -23.52 -16.54
CA TRP B 21 22.47 -22.49 -17.50
C TRP B 21 23.51 -22.41 -18.63
N TYR B 22 24.75 -22.78 -18.33
CA TYR B 22 25.86 -22.75 -19.28
C TYR B 22 26.56 -24.10 -19.20
N GLY B 23 27.20 -24.50 -20.27
CA GLY B 23 27.95 -25.74 -20.22
C GLY B 23 28.65 -26.10 -21.51
N PHE B 24 29.01 -27.38 -21.60
CA PHE B 24 29.87 -27.90 -22.64
C PHE B 24 29.20 -29.11 -23.30
N ARG B 25 29.26 -29.15 -24.62
CA ARG B 25 29.02 -30.40 -25.36
C ARG B 25 30.30 -30.80 -26.07
N HIS B 26 30.58 -32.09 -26.18
CA HIS B 26 31.81 -32.51 -26.87
C HIS B 26 31.54 -33.72 -27.75
N GLN B 27 32.43 -33.91 -28.71
CA GLN B 27 32.52 -35.16 -29.44
C GLN B 27 33.97 -35.58 -29.46
N ASN B 28 34.22 -36.83 -29.10
CA ASN B 28 35.56 -37.42 -29.14
C ASN B 28 35.45 -38.90 -29.52
N SER B 29 36.55 -39.64 -29.33
CA SER B 29 36.63 -41.05 -29.64
C SER B 29 35.66 -41.92 -28.87
N GLU B 30 35.16 -41.45 -27.74
CA GLU B 30 34.30 -42.25 -26.85
C GLU B 30 32.82 -41.85 -26.94
N GLY B 31 32.50 -40.83 -27.73
CA GLY B 31 31.11 -40.41 -27.91
C GLY B 31 30.85 -38.94 -27.91
N ILE B 32 29.59 -38.59 -27.65
CA ILE B 32 29.12 -37.16 -27.64
C ILE B 32 28.52 -36.93 -26.27
N GLY B 33 28.89 -35.88 -25.57
CA GLY B 33 28.43 -35.72 -24.20
C GLY B 33 28.11 -34.27 -23.92
N GLN B 34 27.40 -34.07 -22.82
CA GLN B 34 27.02 -32.74 -22.32
C GLN B 34 27.31 -32.67 -20.82
N ALA B 35 27.81 -31.51 -20.35
CA ALA B 35 27.96 -31.27 -18.91
C ALA B 35 27.71 -29.81 -18.60
N ALA B 36 26.97 -29.56 -17.51
CA ALA B 36 26.78 -28.17 -17.07
C ALA B 36 28.03 -27.60 -16.42
N ASP B 37 28.23 -26.29 -16.55
CA ASP B 37 29.28 -25.56 -15.82
C ASP B 37 28.65 -24.84 -14.64
N LEU B 38 28.99 -25.30 -13.44
CA LEU B 38 28.33 -24.78 -12.22
C LEU B 38 28.74 -23.36 -11.86
N LYS B 39 30.01 -23.01 -12.04
CA LYS B 39 30.49 -21.68 -11.62
C LYS B 39 29.88 -20.55 -12.41
N SER B 40 29.81 -20.69 -13.73
CA SER B 40 29.17 -19.65 -14.55
CA SER B 40 29.16 -19.67 -14.56
C SER B 40 27.67 -19.57 -14.27
N THR B 41 27.06 -20.73 -14.11
CA THR B 41 25.65 -20.79 -13.80
C THR B 41 25.36 -20.02 -12.48
N GLN B 42 26.17 -20.31 -11.45
CA GLN B 42 25.94 -19.71 -10.16
C GLN B 42 26.23 -18.20 -10.21
N ALA B 43 27.22 -17.79 -11.01
CA ALA B 43 27.53 -16.35 -11.16
C ALA B 43 26.35 -15.56 -11.70
N ALA B 44 25.68 -16.10 -12.72
CA ALA B 44 24.50 -15.44 -13.27
C ALA B 44 23.34 -15.45 -12.28
N ILE B 45 23.08 -16.60 -11.67
CA ILE B 45 22.03 -16.74 -10.68
C ILE B 45 22.22 -15.78 -9.49
N ASP B 46 23.43 -15.69 -8.97
CA ASP B 46 23.72 -14.80 -7.85
C ASP B 46 23.41 -13.35 -8.18
N GLN B 47 23.72 -12.91 -9.40
CA GLN B 47 23.43 -11.52 -9.80
C GLN B 47 21.94 -11.25 -9.91
N ILE B 48 21.20 -12.21 -10.43
CA ILE B 48 19.76 -12.05 -10.59
C ILE B 48 19.12 -12.09 -9.21
N ASN B 49 19.60 -12.96 -8.35
CA ASN B 49 19.09 -13.01 -6.96
C ASN B 49 19.39 -11.72 -6.21
N GLY B 50 20.50 -11.06 -6.55
CA GLY B 50 20.83 -9.74 -6.03
C GLY B 50 19.79 -8.68 -6.39
N LYS B 51 19.32 -8.69 -7.63
CA LYS B 51 18.25 -7.81 -8.07
C LYS B 51 16.96 -8.10 -7.35
N LEU B 52 16.61 -9.40 -7.27
CA LEU B 52 15.40 -9.80 -6.56
C LEU B 52 15.40 -9.38 -5.08
N ASN B 53 16.58 -9.48 -4.44
CA ASN B 53 16.69 -9.14 -3.03
CA ASN B 53 16.76 -9.11 -3.04
C ASN B 53 16.42 -7.64 -2.82
N ARG B 54 16.62 -6.83 -3.86
CA ARG B 54 16.39 -5.40 -3.78
C ARG B 54 14.99 -4.96 -4.24
N LEU B 55 14.18 -5.91 -4.68
CA LEU B 55 12.83 -5.59 -5.16
C LEU B 55 11.69 -6.31 -4.49
N ILE B 56 11.94 -7.52 -3.98
CA ILE B 56 10.91 -8.38 -3.42
C ILE B 56 10.94 -8.33 -1.90
N GLY B 57 9.76 -8.19 -1.30
CA GLY B 57 9.61 -8.19 0.16
C GLY B 57 10.14 -6.95 0.86
N LYS B 58 10.08 -5.79 0.18
CA LYS B 58 10.72 -4.56 0.65
C LYS B 58 9.76 -3.38 0.80
N THR B 59 8.46 -3.63 1.04
CA THR B 59 7.47 -2.53 1.00
C THR B 59 7.59 -1.53 2.18
N ASN B 60 7.03 -0.34 1.95
CA ASN B 60 6.98 0.80 2.87
C ASN B 60 5.64 0.81 3.60
N GLU B 61 5.63 1.04 4.91
CA GLU B 61 4.38 1.24 5.65
C GLU B 61 3.87 2.67 5.57
N LYS B 62 2.60 2.86 5.18
CA LYS B 62 1.91 4.14 5.29
C LYS B 62 0.58 3.97 6.03
N PHE B 63 0.19 5.00 6.76
CA PHE B 63 -0.96 4.91 7.62
C PHE B 63 -1.99 5.93 7.20
N HIS B 64 -2.27 6.94 8.01
CA HIS B 64 -3.24 7.96 7.61
C HIS B 64 -2.64 8.85 6.53
N GLN B 65 -3.41 9.10 5.48
CA GLN B 65 -2.90 9.82 4.31
C GLN B 65 -3.86 10.97 4.00
N ILE B 66 -4.25 11.13 2.75
CA ILE B 66 -5.29 12.08 2.32
C ILE B 66 -6.40 11.21 1.70
N GLU B 67 -7.59 11.79 1.59
CA GLU B 67 -8.67 11.13 0.85
C GLU B 67 -8.40 11.17 -0.64
N LYS B 68 -8.88 10.14 -1.32
CA LYS B 68 -8.58 9.95 -2.75
C LYS B 68 -9.82 9.68 -3.61
N GLU B 69 -10.99 9.60 -2.99
CA GLU B 69 -12.26 9.51 -3.66
C GLU B 69 -13.19 10.48 -2.94
N PHE B 70 -14.13 11.09 -3.65
CA PHE B 70 -14.97 12.18 -3.12
C PHE B 70 -16.41 12.05 -3.59
N SER B 71 -17.36 12.17 -2.65
CA SER B 71 -18.79 12.04 -2.98
C SER B 71 -19.44 13.34 -3.44
N GLU B 72 -18.81 14.48 -3.16
CA GLU B 72 -19.37 15.82 -3.44
C GLU B 72 -18.37 16.66 -4.25
N VAL B 73 -18.92 17.58 -5.03
CA VAL B 73 -18.13 18.60 -5.72
C VAL B 73 -17.74 19.68 -4.71
N GLU B 74 -16.46 20.05 -4.68
CA GLU B 74 -15.96 21.06 -3.73
C GLU B 74 -15.06 22.17 -4.33
N GLY B 75 -14.40 21.94 -5.44
CA GLY B 75 -13.59 23.01 -6.04
C GLY B 75 -12.14 22.94 -5.56
N ARG B 76 -11.58 24.10 -5.19
CA ARG B 76 -10.14 24.27 -5.04
C ARG B 76 -9.38 23.23 -4.22
N ILE B 77 -9.84 22.96 -2.98
CA ILE B 77 -9.12 22.02 -2.14
C ILE B 77 -9.11 20.59 -2.73
N GLN B 78 -10.26 20.16 -3.25
CA GLN B 78 -10.38 18.84 -3.85
C GLN B 78 -9.55 18.75 -5.14
N ASP B 79 -9.50 19.83 -5.91
CA ASP B 79 -8.68 19.85 -7.13
C ASP B 79 -7.21 19.58 -6.73
N LEU B 80 -6.79 20.18 -5.62
CA LEU B 80 -5.39 20.02 -5.17
C LEU B 80 -5.14 18.62 -4.65
N GLU B 81 -6.05 18.08 -3.84
CA GLU B 81 -5.93 16.69 -3.38
C GLU B 81 -5.80 15.71 -4.53
N LYS B 82 -6.64 15.90 -5.57
CA LYS B 82 -6.62 14.99 -6.73
C LYS B 82 -5.33 15.12 -7.52
N TYR B 83 -4.88 16.36 -7.70
CA TYR B 83 -3.64 16.63 -8.46
C TYR B 83 -2.40 16.07 -7.76
N VAL B 84 -2.35 16.17 -6.44
CA VAL B 84 -1.22 15.63 -5.69
C VAL B 84 -1.15 14.12 -5.93
N GLU B 85 -2.31 13.47 -5.85
CA GLU B 85 -2.33 12.00 -5.99
C GLU B 85 -1.99 11.58 -7.42
N ASP B 86 -2.58 12.26 -8.40
CA ASP B 86 -2.33 11.94 -9.81
C ASP B 86 -0.83 12.14 -10.15
N THR B 87 -0.27 13.22 -9.63
CA THR B 87 1.15 13.51 -9.74
C THR B 87 2.05 12.36 -9.21
N LYS B 88 1.75 11.93 -8.00
CA LYS B 88 2.44 10.85 -7.34
C LYS B 88 2.37 9.56 -8.14
N ILE B 89 1.19 9.20 -8.57
CA ILE B 89 0.97 7.94 -9.25
C ILE B 89 1.75 7.93 -10.58
N ASP B 90 1.73 9.06 -11.29
CA ASP B 90 2.44 9.12 -12.58
C ASP B 90 3.95 8.99 -12.36
N LEU B 91 4.47 9.59 -11.31
CA LEU B 91 5.91 9.49 -11.02
C LEU B 91 6.31 8.08 -10.65
N TRP B 92 5.52 7.41 -9.81
CA TRP B 92 5.82 6.04 -9.45
C TRP B 92 5.67 5.10 -10.65
N SER B 93 4.67 5.35 -11.50
CA SER B 93 4.46 4.53 -12.70
C SER B 93 5.64 4.63 -13.65
N TYR B 94 6.18 5.85 -13.78
CA TYR B 94 7.38 6.08 -14.57
C TYR B 94 8.56 5.32 -13.96
N ASN B 95 8.74 5.44 -12.65
CA ASN B 95 9.85 4.76 -12.00
C ASN B 95 9.77 3.24 -12.25
N ALA B 96 8.58 2.68 -12.13
CA ALA B 96 8.39 1.23 -12.31
C ALA B 96 8.72 0.81 -13.73
N GLU B 97 8.23 1.56 -14.71
CA GLU B 97 8.48 1.26 -16.12
C GLU B 97 9.98 1.27 -16.42
N LEU B 98 10.66 2.34 -16.01
CA LEU B 98 12.08 2.47 -16.28
C LEU B 98 12.91 1.39 -15.57
N LEU B 99 12.53 1.11 -14.32
CA LEU B 99 13.22 0.11 -13.53
C LEU B 99 13.22 -1.23 -14.24
N VAL B 100 12.06 -1.66 -14.72
CA VAL B 100 11.96 -2.96 -15.35
CA VAL B 100 11.98 -2.98 -15.32
C VAL B 100 12.72 -2.98 -16.69
N ALA B 101 12.58 -1.94 -17.47
CA ALA B 101 13.28 -1.85 -18.77
C ALA B 101 14.80 -1.91 -18.58
N LEU B 102 15.33 -1.12 -17.64
CA LEU B 102 16.77 -1.10 -17.39
C LEU B 102 17.26 -2.40 -16.80
N GLU B 103 16.55 -2.89 -15.79
CA GLU B 103 16.97 -4.14 -15.18
C GLU B 103 16.96 -5.28 -16.19
N ASN B 104 15.96 -5.32 -17.06
CA ASN B 104 15.88 -6.40 -18.06
C ASN B 104 16.98 -6.31 -19.11
N GLN B 105 17.31 -5.09 -19.54
CA GLN B 105 18.42 -4.90 -20.48
C GLN B 105 19.70 -5.43 -19.84
N HIS B 106 19.88 -5.10 -18.56
CA HIS B 106 21.06 -5.48 -17.85
C HIS B 106 21.13 -7.01 -17.61
N THR B 107 20.02 -7.63 -17.25
CA THR B 107 19.98 -9.10 -17.09
C THR B 107 20.36 -9.83 -18.37
N ILE B 108 19.83 -9.41 -19.49
CA ILE B 108 20.16 -10.02 -20.78
C ILE B 108 21.65 -9.84 -21.06
N ASP B 109 22.18 -8.63 -20.78
CA ASP B 109 23.60 -8.39 -20.96
C ASP B 109 24.51 -9.17 -20.00
N LEU B 110 24.15 -9.27 -18.73
CA LEU B 110 25.02 -9.95 -17.79
C LEU B 110 25.04 -11.45 -18.06
N THR B 111 23.91 -11.99 -18.52
CA THR B 111 23.89 -13.42 -18.84
C THR B 111 24.70 -13.73 -20.11
N ASP B 112 24.63 -12.83 -21.07
CA ASP B 112 25.46 -12.90 -22.29
C ASP B 112 26.94 -12.83 -21.86
N SER B 113 27.25 -11.88 -20.98
CA SER B 113 28.61 -11.76 -20.44
C SER B 113 29.14 -13.06 -19.82
N GLU B 114 28.31 -13.76 -19.00
CA GLU B 114 28.79 -14.97 -18.37
C GLU B 114 29.11 -16.06 -19.41
N MET B 115 28.31 -16.14 -20.46
CA MET B 115 28.59 -17.06 -21.57
C MET B 115 29.91 -16.71 -22.24
N ASN B 116 30.10 -15.43 -22.56
CA ASN B 116 31.33 -15.00 -23.20
C ASN B 116 32.55 -15.27 -22.32
N LYS B 117 32.44 -15.03 -21.01
CA LYS B 117 33.56 -15.25 -20.11
C LYS B 117 34.01 -16.73 -20.06
N LEU B 118 33.04 -17.63 -20.04
CA LEU B 118 33.31 -19.07 -20.06
C LEU B 118 34.00 -19.47 -21.38
N PHE B 119 33.51 -18.94 -22.49
CA PHE B 119 34.11 -19.19 -23.78
C PHE B 119 35.57 -18.71 -23.82
N GLU B 120 35.80 -17.47 -23.40
CA GLU B 120 37.16 -16.90 -23.36
C GLU B 120 38.10 -17.69 -22.46
N LYS B 121 37.62 -18.08 -21.28
CA LYS B 121 38.43 -18.88 -20.35
C LYS B 121 38.89 -20.19 -21.02
N THR B 122 37.93 -20.85 -21.65
CA THR B 122 38.20 -22.13 -22.32
C THR B 122 39.20 -21.95 -23.49
N LYS B 123 39.01 -20.89 -24.29
CA LYS B 123 39.91 -20.59 -25.40
C LYS B 123 41.36 -20.45 -24.91
N LYS B 124 41.53 -19.70 -23.82
CA LYS B 124 42.88 -19.46 -23.30
C LYS B 124 43.51 -20.75 -22.78
N GLN B 125 42.69 -21.54 -22.09
CA GLN B 125 43.14 -22.78 -21.51
C GLN B 125 43.74 -23.74 -22.56
N LEU B 126 43.13 -23.74 -23.73
CA LEU B 126 43.51 -24.67 -24.82
C LEU B 126 44.79 -24.24 -25.55
N ARG B 127 45.23 -22.99 -25.39
CA ARG B 127 46.53 -22.50 -25.88
C ARG B 127 46.64 -22.75 -27.39
N GLU B 128 47.68 -23.47 -27.83
CA GLU B 128 47.90 -23.69 -29.25
C GLU B 128 47.34 -25.04 -29.69
N ASN B 129 46.51 -25.68 -28.84
CA ASN B 129 46.07 -27.06 -29.10
C ASN B 129 44.70 -27.13 -29.79
N ALA B 130 44.07 -25.97 -29.99
CA ALA B 130 42.72 -25.93 -30.55
C ALA B 130 42.52 -24.66 -31.36
N GLU B 131 41.50 -24.66 -32.22
CA GLU B 131 41.12 -23.45 -32.93
C GLU B 131 39.63 -23.21 -32.75
N ASP B 132 39.30 -21.92 -32.69
CA ASP B 132 37.91 -21.44 -32.57
C ASP B 132 37.23 -21.51 -33.92
N MET B 133 36.14 -22.28 -34.00
CA MET B 133 35.40 -22.47 -35.24
C MET B 133 34.41 -21.36 -35.53
N GLY B 134 34.23 -20.40 -34.62
CA GLY B 134 33.37 -19.26 -34.86
C GLY B 134 31.95 -19.34 -34.33
N ASN B 135 31.55 -20.51 -33.85
CA ASN B 135 30.18 -20.80 -33.45
C ASN B 135 30.13 -21.28 -32.00
N GLY B 136 31.13 -20.88 -31.23
CA GLY B 136 31.26 -21.35 -29.85
C GLY B 136 31.94 -22.69 -29.67
N CYS B 137 32.38 -23.30 -30.77
CA CYS B 137 33.01 -24.62 -30.74
C CYS B 137 34.49 -24.49 -31.04
N PHE B 138 35.27 -25.36 -30.41
CA PHE B 138 36.68 -25.49 -30.67
C PHE B 138 36.96 -26.84 -31.32
N LYS B 139 37.80 -26.81 -32.35
CA LYS B 139 38.36 -28.02 -32.91
C LYS B 139 39.64 -28.25 -32.13
N ILE B 140 39.72 -29.38 -31.44
CA ILE B 140 40.87 -29.77 -30.64
C ILE B 140 41.69 -30.76 -31.49
N TYR B 141 42.98 -30.43 -31.69
CA TYR B 141 43.82 -31.10 -32.67
C TYR B 141 44.67 -32.24 -32.07
N HIS B 142 44.12 -32.93 -31.07
CA HIS B 142 44.78 -34.09 -30.48
C HIS B 142 43.72 -35.05 -29.97
N LYS B 143 44.11 -36.28 -29.72
CA LYS B 143 43.20 -37.25 -29.13
C LYS B 143 42.82 -36.73 -27.75
N CYS B 144 41.53 -36.65 -27.47
CA CYS B 144 41.06 -36.03 -26.23
C CYS B 144 39.89 -36.85 -25.71
N ASP B 145 40.23 -37.90 -24.96
CA ASP B 145 39.26 -38.83 -24.40
C ASP B 145 38.44 -38.21 -23.28
N ASN B 146 37.58 -39.00 -22.64
CA ASN B 146 36.65 -38.45 -21.65
C ASN B 146 37.34 -37.80 -20.47
N ALA B 147 38.43 -38.39 -19.99
CA ALA B 147 39.20 -37.81 -18.90
C ALA B 147 39.84 -36.48 -19.32
N CYS B 148 40.34 -36.43 -20.56
CA CYS B 148 40.90 -35.21 -21.13
C CYS B 148 39.83 -34.07 -21.21
N ILE B 149 38.65 -34.38 -21.76
CA ILE B 149 37.57 -33.42 -21.82
C ILE B 149 37.21 -32.97 -20.40
N GLY B 150 37.09 -33.92 -19.49
CA GLY B 150 36.87 -33.63 -18.08
C GLY B 150 37.89 -32.66 -17.48
N SER B 151 39.17 -32.84 -17.85
CA SER B 151 40.25 -31.98 -17.37
C SER B 151 40.07 -30.53 -17.85
N ILE B 152 39.59 -30.36 -19.08
CA ILE B 152 39.27 -29.03 -19.60
C ILE B 152 38.12 -28.40 -18.79
N ARG B 153 37.05 -29.16 -18.57
CA ARG B 153 35.90 -28.66 -17.81
C ARG B 153 36.22 -28.35 -16.36
N ASN B 154 37.21 -29.06 -15.80
CA ASN B 154 37.62 -28.86 -14.40
C ASN B 154 38.81 -27.92 -14.18
N GLY B 155 39.37 -27.39 -15.25
CA GLY B 155 40.50 -26.49 -15.14
C GLY B 155 41.81 -27.16 -14.81
N THR B 156 41.96 -28.45 -15.12
CA THR B 156 43.21 -29.18 -14.81
C THR B 156 43.93 -29.67 -16.09
N TYR B 157 43.49 -29.21 -17.24
CA TYR B 157 44.08 -29.59 -18.54
C TYR B 157 45.45 -29.00 -18.64
N ASP B 158 46.46 -29.84 -18.92
CA ASP B 158 47.84 -29.38 -19.09
C ASP B 158 48.13 -29.36 -20.58
N HIS B 159 48.14 -28.16 -21.15
CA HIS B 159 48.30 -28.02 -22.60
C HIS B 159 49.66 -28.55 -23.07
N ASP B 160 50.67 -28.53 -22.20
CA ASP B 160 51.99 -28.97 -22.62
C ASP B 160 52.04 -30.45 -22.96
N VAL B 161 51.18 -31.24 -22.34
CA VAL B 161 51.10 -32.69 -22.54
C VAL B 161 50.80 -33.03 -23.99
N TYR B 162 49.96 -32.21 -24.62
CA TYR B 162 49.40 -32.49 -25.92
C TYR B 162 49.95 -31.58 -27.04
N ARG B 163 50.78 -30.61 -26.70
CA ARG B 163 51.16 -29.56 -27.63
C ARG B 163 51.88 -30.06 -28.89
N ASP B 164 52.85 -30.96 -28.73
CA ASP B 164 53.58 -31.51 -29.90
C ASP B 164 52.61 -32.19 -30.89
N GLU B 165 51.74 -33.03 -30.36
CA GLU B 165 50.72 -33.71 -31.17
C GLU B 165 49.83 -32.69 -31.89
N ALA B 166 49.36 -31.70 -31.14
CA ALA B 166 48.44 -30.69 -31.70
C ALA B 166 49.07 -29.81 -32.78
N LEU B 167 50.27 -29.33 -32.52
CA LEU B 167 50.98 -28.50 -33.51
C LEU B 167 51.23 -29.26 -34.81
N ASN B 168 51.64 -30.53 -34.69
CA ASN B 168 51.83 -31.36 -35.85
C ASN B 168 50.52 -31.48 -36.66
N ASN B 169 49.39 -31.69 -36.01
CA ASN B 169 48.11 -31.77 -36.70
C ASN B 169 47.62 -30.45 -37.29
N ARG B 170 47.83 -29.36 -36.56
CA ARG B 170 47.41 -28.04 -37.04
C ARG B 170 48.17 -27.56 -38.25
N PHE B 171 49.50 -27.70 -38.20
CA PHE B 171 50.37 -27.06 -39.18
C PHE B 171 50.92 -27.98 -40.25
N GLN B 172 50.29 -29.14 -40.42
CA GLN B 172 50.54 -30.01 -41.58
C GLN B 172 50.03 -29.42 -42.89
N ILE B 173 50.36 -30.10 -43.99
CA ILE B 173 49.90 -29.78 -45.33
C ILE B 173 49.01 -30.92 -45.82
#